data_9H0H
#
_entry.id   9H0H
#
_cell.length_a   43.973
_cell.length_b   63.896
_cell.length_c   187.872
_cell.angle_alpha   90.000
_cell.angle_beta   90.000
_cell.angle_gamma   90.000
#
_symmetry.space_group_name_H-M   'P 21 21 21'
#
loop_
_entity.id
_entity.type
_entity.pdbx_description
1 polymer 'Abscisic acid receptor PYL1'
2 polymer 'Protein phosphatase 2C 16'
3 non-polymer '1-[2-(3,5-dicyclopropyl-4-ethynyl-phenyl)ethanoylamino]cyclohexane-1-carboxylic acid'
4 non-polymer 'MANGANESE (II) ION'
5 non-polymer 'CHLORIDE ION'
6 water water
#
loop_
_entity_poly.entity_id
_entity_poly.type
_entity_poly.pdbx_seq_one_letter_code
_entity_poly.pdbx_strand_id
1 'polypeptide(L)'
;MDNNKAEADTSSSMADPETRPTYTTHHLAIPSGVTQDEFDELKQSVVEFHTYQLSQNQCSSLLAQRIRAPNDVVWSIVRR
FDQPQTYKHFIKSCSVSDNFTMAVGSTRDVNVISGLPAATSTERLDILDDDRQVTGFSIIGGEHRLRNYRSVTSVHGFNR
DGAICTVVLESYVVDVPEGNTEEDTRLFADTVVKLNLQKLVSVAESQVI
;
A
2 'polypeptide(L)'
;SVYELDCIPLWGVVSIQGNRSEMEDAFAVSPHFLKLPIKMLMGDHEGMSPSLTHLTGHFFGVYDGHGGHKVADYCRDRLH
FALAEEIERIKDELCKRNTGEGRQVQWDKVFTSCFLTVDGEIEGKIGRAVVGSSDKVLEAVASETVGSTAVVALVCSSHI
VVSNCGDSRAVLFRGKEAMPLSVDHKPDREDEYARIENAGGKVIQWQGARVFGVLAMSRSIGDRYLKPYVIPEPEVTFMP
RSREDECLILASDGLWDVMNNQEVCEIARRRILMWHKKNGAPPLAERGKGIDPACQAAADYLSMLALQKGSKDNISIIVI
DLKAQRKFKTRT
;
B
#
# COMPACT_ATOMS: atom_id res chain seq x y z
N THR A 22 3.61 -18.25 33.91
CA THR A 22 2.31 -17.87 34.46
C THR A 22 1.18 -18.15 33.46
N TYR A 23 0.00 -17.59 33.71
CA TYR A 23 -1.17 -17.84 32.87
C TYR A 23 -1.88 -16.53 32.56
N THR A 24 -2.47 -16.46 31.37
CA THR A 24 -3.30 -15.32 31.00
C THR A 24 -4.56 -15.28 31.88
N THR A 25 -5.14 -14.08 31.99
CA THR A 25 -6.33 -13.84 32.78
C THR A 25 -7.35 -13.03 31.98
N HIS A 26 -7.55 -13.44 30.72
CA HIS A 26 -8.45 -12.71 29.84
C HIS A 26 -9.91 -12.76 30.29
N HIS A 27 -10.24 -13.61 31.27
CA HIS A 27 -11.61 -13.68 31.75
C HIS A 27 -11.95 -12.57 32.74
N LEU A 28 -10.97 -11.76 33.15
CA LEU A 28 -11.19 -10.73 34.17
C LEU A 28 -11.39 -9.34 33.57
N ALA A 29 -11.36 -9.19 32.25
CA ALA A 29 -11.55 -7.90 31.61
C ALA A 29 -12.45 -8.08 30.40
N ILE A 30 -13.55 -7.34 30.36
CA ILE A 30 -14.52 -7.45 29.28
C ILE A 30 -13.91 -6.89 28.00
N PRO A 31 -13.85 -7.67 26.92
CA PRO A 31 -13.24 -7.17 25.69
C PRO A 31 -14.08 -6.07 25.05
N SER A 32 -13.40 -5.20 24.34
CA SER A 32 -14.09 -4.16 23.58
C SER A 32 -15.07 -4.79 22.60
N GLY A 33 -16.26 -4.21 22.51
CA GLY A 33 -17.27 -4.67 21.58
C GLY A 33 -18.24 -5.71 22.10
N VAL A 34 -18.14 -6.10 23.38
CA VAL A 34 -19.08 -7.04 23.98
C VAL A 34 -19.70 -6.40 25.21
N THR A 35 -20.96 -6.72 25.47
CA THR A 35 -21.65 -6.16 26.63
C THR A 35 -21.35 -6.99 27.87
N GLN A 36 -21.55 -6.38 29.04
CA GLN A 36 -21.40 -7.09 30.30
C GLN A 36 -22.26 -8.35 30.32
N ASP A 37 -23.51 -8.25 29.82
CA ASP A 37 -24.38 -9.42 29.82
C ASP A 37 -23.87 -10.52 28.90
N GLU A 38 -23.44 -10.14 27.70
CA GLU A 38 -22.83 -11.10 26.78
C GLU A 38 -21.61 -11.77 27.41
N PHE A 39 -20.73 -10.97 28.05
CA PHE A 39 -19.49 -11.52 28.57
C PHE A 39 -19.74 -12.49 29.72
N ASP A 40 -20.73 -12.22 30.57
CA ASP A 40 -21.09 -13.17 31.61
C ASP A 40 -21.36 -14.55 31.03
N GLU A 41 -21.97 -14.61 29.85
CA GLU A 41 -22.17 -15.87 29.14
C GLU A 41 -20.89 -16.45 28.59
N LEU A 42 -19.88 -15.62 28.33
CA LEU A 42 -18.69 -16.04 27.60
C LEU A 42 -17.48 -16.33 28.50
N LYS A 43 -17.50 -15.82 29.74
CA LYS A 43 -16.30 -15.93 30.59
C LYS A 43 -15.85 -17.37 30.73
N GLN A 44 -16.79 -18.30 30.89
CA GLN A 44 -16.44 -19.71 30.99
C GLN A 44 -15.73 -20.21 29.73
N SER A 45 -16.18 -19.75 28.55
CA SER A 45 -15.50 -20.13 27.31
C SER A 45 -14.13 -19.49 27.21
N VAL A 46 -13.96 -18.29 27.77
CA VAL A 46 -12.64 -17.66 27.78
C VAL A 46 -11.66 -18.49 28.60
N VAL A 47 -12.10 -18.90 29.80
CA VAL A 47 -11.24 -19.73 30.66
C VAL A 47 -10.90 -21.03 29.94
N GLU A 48 -11.88 -21.63 29.26
CA GLU A 48 -11.69 -22.97 28.72
C GLU A 48 -10.82 -22.97 27.46
N PHE A 49 -11.01 -22.02 26.55
CA PHE A 49 -10.36 -22.08 25.25
C PHE A 49 -9.32 -20.99 25.01
N HIS A 50 -9.34 -19.90 25.77
CA HIS A 50 -8.49 -18.75 25.51
C HIS A 50 -7.56 -18.48 26.68
N THR A 51 -7.02 -19.55 27.27
CA THR A 51 -6.02 -19.45 28.33
C THR A 51 -4.68 -19.93 27.80
N TYR A 52 -3.61 -19.18 28.11
CA TYR A 52 -2.27 -19.53 27.67
C TYR A 52 -1.29 -19.48 28.84
N GLN A 53 -0.25 -20.33 28.78
CA GLN A 53 0.90 -20.19 29.65
C GLN A 53 1.77 -19.06 29.14
N LEU A 54 2.09 -18.09 30.01
CA LEU A 54 2.84 -16.91 29.61
C LEU A 54 4.28 -17.03 30.10
N SER A 55 5.22 -17.15 29.16
CA SER A 55 6.62 -16.98 29.50
C SER A 55 6.96 -15.49 29.60
N GLN A 56 8.17 -15.20 30.05
CA GLN A 56 8.58 -13.80 30.22
C GLN A 56 8.61 -13.08 28.89
N ASN A 57 9.05 -13.75 27.82
CA ASN A 57 9.19 -13.14 26.51
C ASN A 57 7.92 -13.20 25.69
N GLN A 58 6.76 -13.36 26.31
CA GLN A 58 5.53 -13.60 25.59
C GLN A 58 4.49 -12.52 25.84
N CYS A 59 3.48 -12.52 24.99
CA CYS A 59 2.51 -11.44 24.88
C CYS A 59 1.21 -12.08 24.39
N SER A 60 0.07 -11.65 24.93
CA SER A 60 -1.21 -12.28 24.61
C SER A 60 -2.33 -11.26 24.65
N SER A 61 -3.37 -11.49 23.84
CA SER A 61 -4.51 -10.59 23.75
C SER A 61 -5.78 -11.39 23.45
N LEU A 62 -6.92 -10.81 23.82
CA LEU A 62 -8.23 -11.38 23.50
C LEU A 62 -9.06 -10.31 22.80
N LEU A 63 -9.60 -10.64 21.63
CA LEU A 63 -10.38 -9.70 20.84
C LEU A 63 -11.75 -10.31 20.56
N ALA A 64 -12.74 -9.44 20.33
CA ALA A 64 -14.12 -9.88 20.13
C ALA A 64 -14.77 -9.11 18.99
N GLN A 65 -15.74 -9.74 18.34
CA GLN A 65 -16.47 -9.09 17.25
C GLN A 65 -17.89 -9.63 17.22
N ARG A 66 -18.87 -8.72 17.29
CA ARG A 66 -20.27 -9.09 17.11
C ARG A 66 -20.62 -9.08 15.63
N ILE A 67 -21.38 -10.08 15.20
CA ILE A 67 -21.76 -10.26 13.81
C ILE A 67 -23.26 -10.52 13.76
N ARG A 68 -23.96 -9.83 12.85
CA ARG A 68 -25.40 -9.97 12.69
C ARG A 68 -25.71 -11.12 11.73
N ALA A 69 -25.44 -12.34 12.19
CA ALA A 69 -25.66 -13.53 11.39
C ALA A 69 -25.72 -14.75 12.32
N PRO A 70 -26.35 -15.84 11.88
CA PRO A 70 -26.39 -17.06 12.71
C PRO A 70 -25.01 -17.67 12.89
N ASN A 71 -24.77 -18.21 14.09
CA ASN A 71 -23.44 -18.74 14.40
C ASN A 71 -23.05 -19.88 13.47
N ASP A 72 -24.03 -20.58 12.89
CA ASP A 72 -23.72 -21.67 11.96
C ASP A 72 -23.16 -21.12 10.65
N VAL A 73 -23.66 -19.98 10.20
CA VAL A 73 -23.07 -19.32 9.04
C VAL A 73 -21.64 -18.91 9.34
N VAL A 74 -21.43 -18.25 10.48
CA VAL A 74 -20.11 -17.77 10.83
C VAL A 74 -19.14 -18.94 10.98
N TRP A 75 -19.58 -20.00 11.66
CA TRP A 75 -18.70 -21.15 11.84
C TRP A 75 -18.29 -21.77 10.51
N SER A 76 -19.20 -21.79 9.54
CA SER A 76 -18.88 -22.39 8.24
C SER A 76 -17.76 -21.63 7.53
N ILE A 77 -17.52 -20.38 7.92
CA ILE A 77 -16.46 -19.59 7.32
C ILE A 77 -15.15 -19.74 8.09
N VAL A 78 -15.18 -19.56 9.41
CA VAL A 78 -13.94 -19.61 10.18
C VAL A 78 -13.36 -21.02 10.23
N ARG A 79 -14.16 -22.05 9.96
CA ARG A 79 -13.66 -23.42 10.07
C ARG A 79 -12.86 -23.87 8.84
N ARG A 80 -12.88 -23.11 7.74
CA ARG A 80 -12.22 -23.52 6.50
C ARG A 80 -10.73 -23.18 6.58
N PHE A 81 -10.00 -24.06 7.28
CA PHE A 81 -8.56 -23.89 7.48
C PHE A 81 -7.81 -23.72 6.17
N ASP A 82 -8.33 -24.29 5.09
CA ASP A 82 -7.68 -24.22 3.79
C ASP A 82 -8.00 -22.97 2.99
N GLN A 83 -8.94 -22.13 3.46
CA GLN A 83 -9.34 -20.92 2.75
C GLN A 83 -9.37 -19.71 3.69
N PRO A 84 -8.27 -19.43 4.38
CA PRO A 84 -8.28 -18.25 5.27
C PRO A 84 -8.38 -16.95 4.52
N GLN A 85 -7.98 -16.89 3.26
CA GLN A 85 -7.96 -15.62 2.55
C GLN A 85 -9.35 -15.07 2.27
N THR A 86 -10.41 -15.81 2.58
CA THR A 86 -11.75 -15.28 2.36
C THR A 86 -12.00 -14.04 3.22
N TYR A 87 -11.46 -14.03 4.45
CA TYR A 87 -11.63 -12.85 5.30
C TYR A 87 -10.33 -12.27 5.83
N LYS A 88 -9.19 -12.88 5.53
CA LYS A 88 -7.88 -12.40 5.96
C LYS A 88 -7.20 -11.79 4.72
N HIS A 89 -7.34 -10.48 4.57
CA HIS A 89 -6.96 -9.80 3.33
C HIS A 89 -5.46 -9.46 3.25
N PHE A 90 -4.66 -9.82 4.26
CA PHE A 90 -3.21 -9.75 4.08
C PHE A 90 -2.65 -10.99 3.41
N ILE A 91 -3.46 -12.02 3.19
CA ILE A 91 -2.97 -13.26 2.58
C ILE A 91 -3.14 -13.17 1.07
N LYS A 92 -2.04 -13.41 0.34
CA LYS A 92 -2.09 -13.44 -1.11
C LYS A 92 -2.53 -14.82 -1.61
N SER A 93 -1.97 -15.88 -1.03
CA SER A 93 -2.34 -17.22 -1.43
C SER A 93 -2.15 -18.15 -0.25
N CYS A 94 -2.83 -19.29 -0.33
CA CYS A 94 -2.77 -20.31 0.70
C CYS A 94 -2.90 -21.66 0.02
N SER A 95 -1.90 -22.52 0.17
CA SER A 95 -1.91 -23.85 -0.43
C SER A 95 -1.87 -24.94 0.62
N VAL A 96 -2.52 -26.05 0.31
CA VAL A 96 -2.49 -27.25 1.15
C VAL A 96 -2.11 -28.42 0.27
N SER A 97 -1.75 -29.53 0.90
CA SER A 97 -1.32 -30.71 0.16
C SER A 97 -2.46 -31.24 -0.71
N ASP A 98 -2.09 -32.08 -1.68
CA ASP A 98 -3.13 -32.70 -2.50
C ASP A 98 -3.94 -33.72 -1.70
N ASN A 99 -3.34 -34.32 -0.67
CA ASN A 99 -4.02 -35.26 0.22
C ASN A 99 -4.63 -34.57 1.44
N PHE A 100 -5.08 -33.33 1.29
CA PHE A 100 -5.58 -32.55 2.42
C PHE A 100 -6.95 -33.06 2.87
N THR A 101 -7.09 -33.27 4.18
CA THR A 101 -8.33 -33.75 4.75
C THR A 101 -8.86 -32.88 5.89
N MET A 102 -8.11 -31.87 6.32
CA MET A 102 -8.52 -30.95 7.39
C MET A 102 -8.62 -31.63 8.75
N ALA A 103 -7.80 -32.65 8.98
CA ALA A 103 -7.70 -33.21 10.31
C ALA A 103 -6.76 -32.36 11.17
N VAL A 104 -6.89 -32.50 12.49
CA VAL A 104 -5.94 -31.84 13.37
C VAL A 104 -4.53 -32.31 13.01
N GLY A 105 -3.62 -31.37 12.88
CA GLY A 105 -2.28 -31.64 12.38
C GLY A 105 -2.06 -31.26 10.93
N SER A 106 -3.11 -30.91 10.21
CA SER A 106 -2.95 -30.40 8.85
C SER A 106 -2.12 -29.12 8.85
N THR A 107 -1.43 -28.87 7.75
CA THR A 107 -0.67 -27.63 7.63
C THR A 107 -1.08 -26.89 6.37
N ARG A 108 -0.77 -25.60 6.35
CA ARG A 108 -1.01 -24.76 5.19
C ARG A 108 0.17 -23.82 5.01
N ASP A 109 0.48 -23.52 3.75
CA ASP A 109 1.56 -22.61 3.38
C ASP A 109 0.97 -21.31 2.87
N VAL A 110 1.21 -20.22 3.58
CA VAL A 110 0.63 -18.93 3.27
C VAL A 110 1.72 -18.01 2.73
N ASN A 111 1.38 -17.24 1.69
CA ASN A 111 2.14 -16.10 1.24
C ASN A 111 1.31 -14.85 1.49
N VAL A 112 1.92 -13.84 2.12
CA VAL A 112 1.22 -12.57 2.37
C VAL A 112 1.41 -11.64 1.19
N ILE A 113 0.67 -10.55 1.17
CA ILE A 113 0.74 -9.56 0.09
C ILE A 113 2.04 -8.76 0.23
N SER A 114 2.40 -8.02 -0.81
CA SER A 114 3.64 -7.26 -0.81
C SER A 114 3.55 -6.10 0.16
N GLY A 115 4.72 -5.61 0.58
CA GLY A 115 4.80 -4.41 1.40
C GLY A 115 4.65 -4.60 2.89
N LEU A 116 4.73 -5.82 3.39
CA LEU A 116 4.60 -6.08 4.81
C LEU A 116 5.93 -6.52 5.40
N PRO A 117 6.09 -6.47 6.72
CA PRO A 117 7.29 -6.98 7.38
C PRO A 117 7.27 -8.51 7.48
N ALA A 118 6.94 -9.18 6.38
CA ALA A 118 6.77 -10.62 6.39
C ALA A 118 6.54 -11.09 4.96
N ALA A 119 6.88 -12.35 4.71
CA ALA A 119 6.68 -12.91 3.37
C ALA A 119 5.87 -14.21 3.38
N THR A 120 6.12 -15.09 4.34
CA THR A 120 5.55 -16.44 4.29
C THR A 120 5.23 -16.91 5.70
N SER A 121 4.39 -17.94 5.76
CA SER A 121 3.99 -18.58 7.01
C SER A 121 3.68 -20.03 6.71
N THR A 122 4.14 -20.93 7.59
CA THR A 122 3.66 -22.31 7.65
C THR A 122 2.83 -22.45 8.91
N GLU A 123 1.59 -22.90 8.76
CA GLU A 123 0.66 -22.96 9.88
C GLU A 123 0.10 -24.36 10.06
N ARG A 124 -0.14 -24.72 11.31
CA ARG A 124 -0.57 -26.06 11.69
C ARG A 124 -1.89 -25.98 12.44
N LEU A 125 -2.87 -26.77 11.99
CA LEU A 125 -4.18 -26.79 12.63
C LEU A 125 -4.08 -27.52 13.97
N ASP A 126 -4.41 -26.81 15.05
CA ASP A 126 -4.29 -27.35 16.42
C ASP A 126 -5.60 -27.92 16.94
N ILE A 127 -6.73 -27.28 16.64
CA ILE A 127 -8.03 -27.71 17.13
C ILE A 127 -9.06 -27.40 16.07
N LEU A 128 -9.99 -28.33 15.87
CA LEU A 128 -11.12 -28.10 14.97
C LEU A 128 -12.28 -28.94 15.52
N ASP A 129 -13.08 -28.33 16.37
CA ASP A 129 -14.18 -29.00 17.06
C ASP A 129 -15.49 -28.47 16.49
N ASP A 130 -16.14 -29.28 15.65
CA ASP A 130 -17.40 -28.83 15.05
C ASP A 130 -18.54 -28.86 16.06
N ASP A 131 -18.45 -29.71 17.08
CA ASP A 131 -19.49 -29.78 18.10
C ASP A 131 -19.52 -28.54 18.99
N ARG A 132 -18.43 -27.79 19.07
CA ARG A 132 -18.35 -26.61 19.91
C ARG A 132 -17.96 -25.36 19.14
N GLN A 133 -17.68 -25.47 17.85
CA GLN A 133 -17.33 -24.35 16.99
C GLN A 133 -16.15 -23.56 17.57
N VAL A 134 -15.05 -24.27 17.75
CA VAL A 134 -13.78 -23.70 18.16
C VAL A 134 -12.70 -24.20 17.22
N THR A 135 -11.82 -23.30 16.78
CA THR A 135 -10.70 -23.69 15.93
C THR A 135 -9.46 -22.95 16.40
N GLY A 136 -8.30 -23.48 16.02
CA GLY A 136 -7.04 -22.87 16.43
C GLY A 136 -5.89 -23.39 15.59
N PHE A 137 -4.83 -22.59 15.55
CA PHE A 137 -3.66 -22.94 14.76
C PHE A 137 -2.40 -22.36 15.39
N SER A 138 -1.26 -22.91 14.96
CA SER A 138 0.07 -22.47 15.37
C SER A 138 0.90 -22.17 14.13
N ILE A 139 1.67 -21.09 14.19
CA ILE A 139 2.62 -20.76 13.13
C ILE A 139 3.93 -21.49 13.43
N ILE A 140 4.35 -22.37 12.53
CA ILE A 140 5.50 -23.22 12.82
C ILE A 140 6.65 -22.98 11.83
N GLY A 141 6.63 -21.87 11.12
CA GLY A 141 7.67 -21.56 10.16
C GLY A 141 7.29 -20.33 9.36
N GLY A 142 8.22 -19.90 8.52
CA GLY A 142 8.02 -18.78 7.62
C GLY A 142 8.98 -17.63 7.89
N GLU A 143 8.91 -16.64 7.00
CA GLU A 143 9.66 -15.41 7.12
C GLU A 143 8.75 -14.34 7.72
N HIS A 144 9.02 -13.97 8.97
CA HIS A 144 8.18 -13.05 9.75
C HIS A 144 8.77 -12.92 11.15
N ARG A 145 8.19 -12.06 11.97
CA ARG A 145 8.70 -11.84 13.32
C ARG A 145 7.65 -12.19 14.37
N LEU A 146 6.77 -13.14 14.06
CA LEU A 146 5.78 -13.62 15.02
C LEU A 146 6.08 -15.04 15.41
N ARG A 147 7.21 -15.27 16.07
CA ARG A 147 7.64 -16.62 16.39
C ARG A 147 6.79 -17.20 17.52
N ASN A 148 6.47 -18.49 17.40
CA ASN A 148 5.69 -19.22 18.39
C ASN A 148 4.27 -18.66 18.55
N TYR A 149 3.74 -18.09 17.48
CA TYR A 149 2.39 -17.57 17.50
C TYR A 149 1.38 -18.72 17.54
N ARG A 150 0.43 -18.62 18.46
N ARG A 150 0.45 -18.64 18.48
CA ARG A 150 -0.64 -19.60 18.57
CA ARG A 150 -0.64 -19.60 18.58
C ARG A 150 -1.93 -18.83 18.83
C ARG A 150 -1.92 -18.81 18.83
N SER A 151 -3.00 -19.19 18.13
CA SER A 151 -4.26 -18.50 18.30
C SER A 151 -5.41 -19.49 18.40
N VAL A 152 -6.52 -18.99 18.94
CA VAL A 152 -7.76 -19.75 19.08
C VAL A 152 -8.92 -18.83 18.74
N THR A 153 -9.88 -19.35 17.97
CA THR A 153 -11.08 -18.62 17.57
C THR A 153 -12.29 -19.45 17.94
N SER A 154 -13.23 -18.86 18.67
CA SER A 154 -14.46 -19.56 19.05
C SER A 154 -15.67 -18.71 18.66
N VAL A 155 -16.74 -19.40 18.31
CA VAL A 155 -17.96 -18.78 17.79
C VAL A 155 -19.09 -19.03 18.79
N HIS A 156 -19.90 -18.00 19.04
CA HIS A 156 -20.89 -18.03 20.11
C HIS A 156 -22.17 -17.34 19.66
N GLY A 157 -23.27 -18.10 19.60
CA GLY A 157 -24.55 -17.56 19.21
C GLY A 157 -25.32 -16.96 20.36
N PHE A 158 -26.09 -15.91 20.05
CA PHE A 158 -27.00 -15.31 21.01
C PHE A 158 -28.36 -15.07 20.35
N ASN A 159 -29.38 -15.01 21.18
CA ASN A 159 -30.74 -14.71 20.73
C ASN A 159 -31.39 -13.83 21.80
N ARG A 160 -31.57 -12.56 21.49
CA ARG A 160 -32.22 -11.60 22.37
C ARG A 160 -33.51 -11.14 21.72
N ASP A 161 -34.65 -11.42 22.36
CA ASP A 161 -35.96 -10.96 21.89
C ASP A 161 -36.22 -11.37 20.45
N GLY A 162 -35.61 -12.47 20.02
CA GLY A 162 -35.71 -12.92 18.65
C GLY A 162 -34.64 -12.40 17.72
N ALA A 163 -33.82 -11.46 18.18
CA ALA A 163 -32.69 -10.97 17.38
C ALA A 163 -31.55 -11.98 17.46
N ILE A 164 -31.13 -12.49 16.32
CA ILE A 164 -30.07 -13.50 16.25
C ILE A 164 -28.77 -12.81 15.89
N CYS A 165 -27.72 -13.04 16.68
CA CYS A 165 -26.40 -12.55 16.35
C CYS A 165 -25.38 -13.57 16.82
N THR A 166 -24.11 -13.27 16.55
CA THR A 166 -23.00 -14.13 16.90
C THR A 166 -21.89 -13.27 17.47
N VAL A 167 -21.20 -13.77 18.48
CA VAL A 167 -19.97 -13.15 18.97
C VAL A 167 -18.82 -14.10 18.66
N VAL A 168 -17.81 -13.58 17.98
CA VAL A 168 -16.58 -14.32 17.72
C VAL A 168 -15.52 -13.83 18.69
N LEU A 169 -14.86 -14.76 19.36
CA LEU A 169 -13.72 -14.47 20.23
C LEU A 169 -12.45 -14.99 19.57
N GLU A 170 -11.41 -14.17 19.53
CA GLU A 170 -10.11 -14.61 19.03
C GLU A 170 -9.02 -14.12 19.95
N SER A 171 -8.19 -15.05 20.40
CA SER A 171 -7.04 -14.77 21.24
C SER A 171 -5.78 -15.28 20.57
N TYR A 172 -4.64 -14.74 20.99
CA TYR A 172 -3.36 -15.25 20.54
C TYR A 172 -2.35 -15.11 21.66
N VAL A 173 -1.27 -15.88 21.55
CA VAL A 173 -0.03 -15.70 22.30
C VAL A 173 1.10 -15.71 21.29
N VAL A 174 2.15 -14.95 21.56
CA VAL A 174 3.27 -14.84 20.62
C VAL A 174 4.49 -14.32 21.37
N ASP A 175 5.67 -14.65 20.85
CA ASP A 175 6.91 -14.08 21.39
C ASP A 175 7.00 -12.60 21.06
N VAL A 176 7.55 -11.82 21.99
CA VAL A 176 7.91 -10.43 21.72
C VAL A 176 9.26 -10.42 21.01
N PRO A 177 9.36 -9.95 19.78
CA PRO A 177 10.63 -10.05 19.06
C PRO A 177 11.67 -9.11 19.63
N GLU A 178 12.93 -9.53 19.53
CA GLU A 178 14.04 -8.73 20.01
C GLU A 178 14.00 -7.32 19.43
N GLY A 179 14.12 -6.32 20.29
CA GLY A 179 14.11 -4.93 19.88
C GLY A 179 12.77 -4.24 19.98
N ASN A 180 11.71 -4.96 20.30
CA ASN A 180 10.38 -4.38 20.45
C ASN A 180 9.84 -4.67 21.85
N THR A 181 8.83 -3.91 22.23
CA THR A 181 8.18 -4.05 23.53
C THR A 181 6.92 -4.89 23.42
N GLU A 182 6.43 -5.34 24.58
CA GLU A 182 5.15 -6.04 24.61
C GLU A 182 4.04 -5.18 24.02
N GLU A 183 4.02 -3.89 24.37
CA GLU A 183 2.99 -3.01 23.86
C GLU A 183 3.05 -2.91 22.34
N ASP A 184 4.26 -2.77 21.78
CA ASP A 184 4.44 -2.79 20.34
C ASP A 184 3.81 -4.02 19.72
N THR A 185 4.17 -5.18 20.27
CA THR A 185 3.74 -6.45 19.70
C THR A 185 2.23 -6.59 19.74
N ARG A 186 1.62 -6.25 20.87
CA ARG A 186 0.17 -6.38 20.97
C ARG A 186 -0.54 -5.44 20.00
N LEU A 187 -0.04 -4.21 19.86
CA LEU A 187 -0.64 -3.26 18.91
C LEU A 187 -0.55 -3.79 17.48
N PHE A 188 0.62 -4.30 17.11
CA PHE A 188 0.80 -4.91 15.79
C PHE A 188 -0.18 -6.05 15.57
N ALA A 189 -0.16 -7.04 16.46
CA ALA A 189 -1.03 -8.20 16.31
C ALA A 189 -2.51 -7.81 16.37
N ASP A 190 -2.88 -7.00 17.37
CA ASP A 190 -4.27 -6.57 17.53
C ASP A 190 -4.78 -5.88 16.26
N THR A 191 -3.96 -5.01 15.66
CA THR A 191 -4.41 -4.28 14.48
C THR A 191 -4.85 -5.25 13.38
N VAL A 192 -4.06 -6.30 13.15
CA VAL A 192 -4.38 -7.23 12.08
C VAL A 192 -5.59 -8.09 12.44
N VAL A 193 -5.64 -8.60 13.67
CA VAL A 193 -6.75 -9.46 14.09
C VAL A 193 -8.06 -8.68 14.06
N LYS A 194 -8.06 -7.45 14.57
CA LYS A 194 -9.27 -6.63 14.51
C LYS A 194 -9.73 -6.43 13.06
N LEU A 195 -8.78 -6.19 12.14
CA LEU A 195 -9.16 -6.02 10.74
C LEU A 195 -9.78 -7.30 10.19
N ASN A 196 -9.19 -8.46 10.49
CA ASN A 196 -9.74 -9.71 9.99
C ASN A 196 -11.14 -9.97 10.54
N LEU A 197 -11.37 -9.69 11.81
CA LEU A 197 -12.70 -9.88 12.39
C LEU A 197 -13.71 -8.92 11.76
N GLN A 198 -13.29 -7.70 11.44
CA GLN A 198 -14.18 -6.78 10.74
C GLN A 198 -14.55 -7.31 9.36
N LYS A 199 -13.56 -7.83 8.63
CA LYS A 199 -13.85 -8.40 7.33
C LYS A 199 -14.77 -9.61 7.47
N LEU A 200 -14.54 -10.44 8.48
CA LEU A 200 -15.43 -11.58 8.71
C LEU A 200 -16.88 -11.13 8.88
N VAL A 201 -17.10 -10.00 9.54
CA VAL A 201 -18.45 -9.45 9.65
C VAL A 201 -19.11 -9.35 8.28
N SER A 202 -18.46 -8.65 7.36
CA SER A 202 -19.10 -8.42 6.06
C SER A 202 -19.23 -9.70 5.26
N VAL A 203 -18.26 -10.62 5.37
CA VAL A 203 -18.37 -11.89 4.64
C VAL A 203 -19.58 -12.67 5.12
N ALA A 204 -19.73 -12.81 6.44
CA ALA A 204 -20.83 -13.59 6.99
C ALA A 204 -22.18 -12.92 6.72
N GLU A 205 -22.26 -11.60 6.92
CA GLU A 205 -23.56 -10.95 6.79
C GLU A 205 -24.06 -10.96 5.36
N SER A 206 -23.18 -11.11 4.37
CA SER A 206 -23.59 -11.21 2.97
C SER A 206 -24.03 -12.61 2.57
N GLN A 207 -23.77 -13.62 3.39
CA GLN A 207 -24.22 -14.99 3.11
C GLN A 207 -25.61 -15.26 3.69
N CYS B 7 7.85 22.95 -26.42
CA CYS B 7 6.46 22.54 -26.63
C CYS B 7 6.36 21.09 -27.12
N ILE B 8 7.48 20.53 -27.57
CA ILE B 8 7.53 19.16 -28.07
C ILE B 8 8.05 18.27 -26.95
N PRO B 9 7.27 17.31 -26.47
CA PRO B 9 7.67 16.52 -25.30
C PRO B 9 8.65 15.42 -25.68
N LEU B 10 9.77 15.36 -24.96
CA LEU B 10 10.80 14.34 -25.16
C LEU B 10 10.86 13.48 -23.91
N TRP B 11 10.56 12.19 -24.06
CA TRP B 11 10.57 11.32 -22.89
C TRP B 11 10.89 9.89 -23.30
N GLY B 12 11.24 9.11 -22.29
CA GLY B 12 11.49 7.68 -22.44
C GLY B 12 11.11 6.99 -21.15
N VAL B 13 10.75 5.71 -21.24
CA VAL B 13 10.17 4.99 -20.11
C VAL B 13 10.68 3.56 -20.08
N VAL B 14 10.88 3.04 -18.88
CA VAL B 14 11.08 1.62 -18.66
C VAL B 14 10.30 1.26 -17.41
N SER B 15 9.60 0.13 -17.43
CA SER B 15 8.83 -0.34 -16.28
C SER B 15 8.96 -1.85 -16.21
N ILE B 16 9.76 -2.35 -15.27
CA ILE B 16 10.05 -3.77 -15.23
C ILE B 16 9.64 -4.36 -13.88
N GLN B 17 9.27 -5.63 -13.92
CA GLN B 17 8.89 -6.40 -12.74
C GLN B 17 10.12 -6.79 -11.93
N GLY B 18 11.20 -7.15 -12.63
CA GLY B 18 12.41 -7.57 -11.94
C GLY B 18 12.21 -8.87 -11.20
N ASN B 19 12.89 -8.98 -10.05
CA ASN B 19 12.90 -10.24 -9.31
C ASN B 19 11.63 -10.51 -8.50
N ARG B 20 10.66 -9.59 -8.50
CA ARG B 20 9.45 -9.78 -7.69
C ARG B 20 8.51 -10.80 -8.34
N SER B 21 7.71 -11.46 -7.50
CA SER B 21 6.74 -12.44 -7.99
C SER B 21 5.57 -11.78 -8.71
N GLU B 22 5.30 -10.51 -8.42
CA GLU B 22 4.20 -9.76 -9.01
C GLU B 22 4.71 -8.42 -9.55
N MET B 23 4.06 -7.95 -10.60
CA MET B 23 4.27 -6.58 -11.07
C MET B 23 3.19 -5.67 -10.49
N GLU B 24 3.60 -4.71 -9.65
CA GLU B 24 2.64 -3.80 -9.05
C GLU B 24 2.99 -2.34 -9.29
N ASP B 25 4.06 -2.06 -10.03
CA ASP B 25 4.34 -0.73 -10.57
C ASP B 25 3.47 -0.48 -11.79
N ALA B 26 3.03 0.76 -11.98
CA ALA B 26 2.32 1.19 -13.18
C ALA B 26 2.75 2.62 -13.50
N PHE B 27 2.56 3.02 -14.76
CA PHE B 27 2.88 4.38 -15.17
C PHE B 27 1.89 4.84 -16.24
N ALA B 28 1.84 6.15 -16.43
CA ALA B 28 1.04 6.76 -17.49
C ALA B 28 1.78 7.94 -18.09
N VAL B 29 1.77 8.03 -19.42
CA VAL B 29 2.28 9.21 -20.11
C VAL B 29 1.21 9.63 -21.11
N SER B 30 0.76 10.89 -21.01
CA SER B 30 -0.24 11.48 -21.91
C SER B 30 0.29 12.81 -22.42
N PRO B 31 0.97 12.81 -23.55
CA PRO B 31 1.43 14.08 -24.14
C PRO B 31 0.26 14.89 -24.68
N HIS B 32 0.43 16.20 -24.69
CA HIS B 32 -0.61 17.11 -25.18
C HIS B 32 -1.95 16.81 -24.54
N PHE B 33 -1.94 16.52 -23.24
CA PHE B 33 -3.14 16.03 -22.60
C PHE B 33 -4.07 17.14 -22.17
N LEU B 34 -3.54 18.30 -21.80
CA LEU B 34 -4.37 19.35 -21.23
C LEU B 34 -4.10 20.68 -21.91
N LYS B 35 -5.14 21.48 -22.08
CA LYS B 35 -5.02 22.89 -22.42
C LYS B 35 -5.19 23.68 -21.14
N LEU B 36 -4.10 24.19 -20.61
CA LEU B 36 -4.11 24.90 -19.34
C LEU B 36 -4.38 26.38 -19.57
N PRO B 37 -5.39 26.95 -18.93
CA PRO B 37 -5.60 28.40 -19.06
C PRO B 37 -4.37 29.14 -18.56
N ILE B 38 -3.89 30.10 -19.36
CA ILE B 38 -2.67 30.81 -19.02
C ILE B 38 -2.76 31.49 -17.66
N LYS B 39 -3.97 31.77 -17.18
CA LYS B 39 -4.15 32.37 -15.85
C LYS B 39 -3.58 31.49 -14.75
N MET B 40 -3.58 30.17 -14.93
CA MET B 40 -3.05 29.27 -13.91
C MET B 40 -1.53 29.22 -13.90
N LEU B 41 -0.87 29.69 -14.96
CA LEU B 41 0.59 29.67 -15.06
C LEU B 41 1.21 31.02 -14.77
N MET B 42 0.70 32.09 -15.37
CA MET B 42 1.28 33.41 -15.20
C MET B 42 0.22 34.50 -15.32
N HIS B 54 -4.14 29.70 -23.87
CA HIS B 54 -3.97 28.32 -23.42
C HIS B 54 -2.58 27.77 -23.72
N LEU B 55 -2.02 27.02 -22.78
CA LEU B 55 -0.72 26.37 -22.94
C LEU B 55 -0.91 24.86 -22.86
N THR B 56 -0.25 24.13 -23.77
CA THR B 56 -0.38 22.67 -23.78
C THR B 56 0.38 22.06 -22.60
N GLY B 57 -0.28 21.15 -21.89
CA GLY B 57 0.31 20.48 -20.74
C GLY B 57 0.48 18.99 -21.01
N HIS B 58 1.64 18.47 -20.62
CA HIS B 58 1.97 17.06 -20.77
C HIS B 58 1.95 16.38 -19.41
N PHE B 59 1.35 15.20 -19.35
CA PHE B 59 1.15 14.48 -18.10
C PHE B 59 2.07 13.27 -18.04
N PHE B 60 2.75 13.11 -16.89
CA PHE B 60 3.62 11.99 -16.59
C PHE B 60 3.30 11.50 -15.20
N GLY B 61 3.13 10.18 -15.04
CA GLY B 61 2.85 9.60 -13.74
C GLY B 61 3.50 8.25 -13.48
N VAL B 62 3.96 8.03 -12.25
CA VAL B 62 4.46 6.73 -11.81
C VAL B 62 3.71 6.33 -10.55
N TYR B 63 3.30 5.06 -10.48
CA TYR B 63 2.44 4.55 -9.40
C TYR B 63 3.01 3.24 -8.89
N ASP B 64 3.55 3.25 -7.67
CA ASP B 64 4.17 2.08 -7.05
C ASP B 64 3.15 1.42 -6.12
N GLY B 65 2.53 0.34 -6.58
CA GLY B 65 1.52 -0.33 -5.80
C GLY B 65 2.12 -1.15 -4.66
N HIS B 66 1.33 -1.31 -3.62
CA HIS B 66 1.70 -2.22 -2.53
C HIS B 66 0.47 -2.97 -2.06
N GLY B 67 0.71 -4.21 -1.60
CA GLY B 67 -0.37 -5.11 -1.22
C GLY B 67 -1.13 -5.70 -2.38
N GLY B 68 -0.77 -5.34 -3.61
CA GLY B 68 -1.51 -5.71 -4.79
C GLY B 68 -1.27 -4.70 -5.89
N HIS B 69 -1.83 -5.00 -7.07
CA HIS B 69 -1.62 -4.16 -8.24
C HIS B 69 -2.81 -3.27 -8.60
N LYS B 70 -3.99 -3.51 -8.02
CA LYS B 70 -5.21 -2.93 -8.56
C LYS B 70 -5.29 -1.43 -8.33
N VAL B 71 -4.69 -0.92 -7.25
CA VAL B 71 -4.77 0.53 -7.02
C VAL B 71 -3.84 1.27 -7.98
N ALA B 72 -2.63 0.77 -8.17
CA ALA B 72 -1.71 1.41 -9.11
C ALA B 72 -2.26 1.38 -10.53
N ASP B 73 -2.86 0.26 -10.92
CA ASP B 73 -3.50 0.16 -12.22
C ASP B 73 -4.67 1.12 -12.36
N TYR B 74 -5.47 1.29 -11.29
CA TYR B 74 -6.54 2.27 -11.34
C TYR B 74 -6.00 3.68 -11.48
N CYS B 75 -4.95 4.02 -10.73
CA CYS B 75 -4.28 5.30 -10.94
C CYS B 75 -3.84 5.47 -12.40
N ARG B 76 -3.24 4.44 -12.99
CA ARG B 76 -2.77 4.54 -14.36
C ARG B 76 -3.93 4.87 -15.30
N ASP B 77 -5.08 4.27 -15.08
CA ASP B 77 -6.21 4.44 -15.98
C ASP B 77 -7.04 5.68 -15.68
N ARG B 78 -6.96 6.25 -14.48
CA ARG B 78 -7.95 7.24 -14.08
C ARG B 78 -7.38 8.58 -13.63
N LEU B 79 -6.19 8.61 -13.02
CA LEU B 79 -5.78 9.81 -12.28
C LEU B 79 -5.71 11.04 -13.18
N HIS B 80 -5.13 10.92 -14.38
CA HIS B 80 -5.02 12.11 -15.22
C HIS B 80 -6.39 12.57 -15.72
N PHE B 81 -7.34 11.66 -15.89
CA PHE B 81 -8.69 12.09 -16.25
C PHE B 81 -9.34 12.85 -15.10
N ALA B 82 -9.11 12.41 -13.86
CA ALA B 82 -9.64 13.15 -12.71
C ALA B 82 -8.99 14.53 -12.61
N LEU B 83 -7.71 14.63 -12.94
CA LEU B 83 -7.04 15.92 -12.94
C LEU B 83 -7.68 16.85 -13.97
N ALA B 84 -7.88 16.35 -15.19
CA ALA B 84 -8.53 17.17 -16.22
C ALA B 84 -9.91 17.62 -15.77
N GLU B 85 -10.66 16.76 -15.08
CA GLU B 85 -11.98 17.15 -14.61
C GLU B 85 -11.90 18.28 -13.59
N GLU B 86 -10.94 18.22 -12.67
CA GLU B 86 -10.77 19.28 -11.69
C GLU B 86 -10.41 20.60 -12.36
N ILE B 87 -9.47 20.56 -13.31
CA ILE B 87 -9.10 21.79 -14.01
C ILE B 87 -10.28 22.33 -14.81
N GLU B 88 -11.04 21.43 -15.45
CA GLU B 88 -12.20 21.87 -16.23
C GLU B 88 -13.30 22.41 -15.33
N ARG B 89 -13.41 21.88 -14.10
CA ARG B 89 -14.38 22.41 -13.15
C ARG B 89 -14.17 23.90 -12.92
N ILE B 90 -12.91 24.28 -12.67
CA ILE B 90 -12.61 25.68 -12.39
C ILE B 90 -12.43 26.50 -13.67
N LYS B 91 -12.21 25.84 -14.81
CA LYS B 91 -12.07 26.54 -16.09
C LYS B 91 -13.43 27.05 -16.56
N GLN B 104 0.16 28.95 -6.97
CA GLN B 104 0.74 27.81 -6.26
C GLN B 104 -0.26 27.21 -5.27
N VAL B 105 -0.91 28.08 -4.50
CA VAL B 105 -2.06 27.65 -3.73
C VAL B 105 -3.10 27.02 -4.63
N GLN B 106 -3.31 27.61 -5.80
CA GLN B 106 -4.27 27.08 -6.77
C GLN B 106 -3.89 25.67 -7.21
N TRP B 107 -2.62 25.46 -7.56
CA TRP B 107 -2.20 24.12 -7.97
C TRP B 107 -2.25 23.15 -6.79
N ASP B 108 -1.91 23.62 -5.59
CA ASP B 108 -2.06 22.80 -4.40
C ASP B 108 -3.48 22.25 -4.28
N LYS B 109 -4.47 23.12 -4.45
CA LYS B 109 -5.86 22.72 -4.26
C LYS B 109 -6.32 21.78 -5.38
N VAL B 110 -5.91 22.06 -6.62
CA VAL B 110 -6.31 21.20 -7.73
C VAL B 110 -5.80 19.79 -7.52
N PHE B 111 -4.51 19.65 -7.23
CA PHE B 111 -3.96 18.30 -7.06
C PHE B 111 -4.45 17.64 -5.77
N THR B 112 -4.65 18.41 -4.71
CA THR B 112 -5.19 17.80 -3.49
C THR B 112 -6.58 17.22 -3.75
N SER B 113 -7.45 17.98 -4.42
CA SER B 113 -8.78 17.48 -4.74
C SER B 113 -8.71 16.28 -5.67
N CYS B 114 -7.81 16.32 -6.65
CA CYS B 114 -7.68 15.22 -7.60
C CYS B 114 -7.24 13.94 -6.89
N PHE B 115 -6.21 14.03 -6.04
CA PHE B 115 -5.76 12.85 -5.30
C PHE B 115 -6.85 12.36 -4.36
N LEU B 116 -7.53 13.27 -3.69
CA LEU B 116 -8.58 12.86 -2.77
C LEU B 116 -9.73 12.16 -3.51
N THR B 117 -10.05 12.63 -4.72
CA THR B 117 -11.12 12.01 -5.49
C THR B 117 -10.73 10.60 -5.89
N VAL B 118 -9.53 10.41 -6.43
CA VAL B 118 -9.10 9.07 -6.80
C VAL B 118 -9.06 8.16 -5.58
N ASP B 119 -8.51 8.66 -4.46
CA ASP B 119 -8.52 7.86 -3.23
C ASP B 119 -9.93 7.42 -2.85
N GLY B 120 -10.90 8.33 -2.94
CA GLY B 120 -12.25 8.01 -2.52
C GLY B 120 -12.95 7.05 -3.46
N GLU B 121 -12.65 7.13 -4.76
CA GLU B 121 -13.21 6.19 -5.71
C GLU B 121 -12.67 4.79 -5.47
N ILE B 122 -11.37 4.68 -5.18
CA ILE B 122 -10.74 3.39 -4.92
C ILE B 122 -11.35 2.73 -3.70
N GLU B 123 -11.57 3.51 -2.64
CA GLU B 123 -12.12 2.98 -1.40
C GLU B 123 -13.61 2.69 -1.48
N GLY B 124 -14.30 3.12 -2.53
CA GLY B 124 -15.72 2.87 -2.67
C GLY B 124 -16.61 3.89 -2.00
N LYS B 125 -16.08 5.05 -1.62
CA LYS B 125 -16.85 6.11 -0.98
C LYS B 125 -17.29 7.19 -1.96
N ILE B 126 -16.74 7.24 -3.16
CA ILE B 126 -17.09 8.19 -4.19
C ILE B 126 -17.51 7.42 -5.44
N GLY B 127 -18.67 7.76 -5.98
CA GLY B 127 -19.17 7.05 -7.16
C GLY B 127 -18.29 7.31 -8.38
N ARG B 128 -18.05 6.26 -9.14
CA ARG B 128 -17.32 6.36 -10.40
C ARG B 128 -18.28 6.11 -11.56
N ALA B 129 -18.05 6.81 -12.66
CA ALA B 129 -18.96 6.77 -13.79
C ALA B 129 -18.95 5.38 -14.44
N ASP B 135 -25.74 7.17 -14.40
CA ASP B 135 -25.66 6.68 -13.03
C ASP B 135 -24.24 6.25 -12.68
N LYS B 136 -23.76 6.67 -11.52
CA LYS B 136 -22.46 6.30 -10.99
C LYS B 136 -22.62 5.18 -9.97
N VAL B 137 -21.52 4.48 -9.70
CA VAL B 137 -21.54 3.27 -8.87
C VAL B 137 -20.53 3.41 -7.74
N LEU B 138 -20.96 3.09 -6.52
CA LEU B 138 -20.09 2.99 -5.35
C LEU B 138 -19.56 1.56 -5.27
N GLU B 139 -18.24 1.40 -5.42
CA GLU B 139 -17.64 0.07 -5.36
C GLU B 139 -16.16 0.19 -5.06
N ALA B 140 -15.70 -0.53 -4.05
CA ALA B 140 -14.27 -0.59 -3.75
C ALA B 140 -13.52 -1.21 -4.92
N VAL B 141 -12.42 -0.57 -5.33
CA VAL B 141 -11.63 -1.05 -6.46
C VAL B 141 -10.69 -2.18 -6.07
N ALA B 142 -10.30 -2.28 -4.79
CA ALA B 142 -9.41 -3.33 -4.34
C ALA B 142 -9.75 -3.66 -2.88
N SER B 143 -9.03 -4.63 -2.31
CA SER B 143 -9.20 -4.93 -0.90
C SER B 143 -8.77 -3.73 -0.05
N GLU B 144 -9.18 -3.75 1.21
CA GLU B 144 -8.84 -2.67 2.12
C GLU B 144 -7.34 -2.55 2.37
N THR B 145 -6.56 -3.56 2.00
CA THR B 145 -5.13 -3.57 2.30
C THR B 145 -4.24 -3.22 1.10
N VAL B 146 -4.81 -2.75 -0.01
CA VAL B 146 -4.08 -2.44 -1.23
C VAL B 146 -4.00 -0.94 -1.39
N GLY B 147 -2.82 -0.45 -1.81
CA GLY B 147 -2.65 0.97 -2.09
C GLY B 147 -1.56 1.23 -3.11
N SER B 148 -1.18 2.50 -3.25
CA SER B 148 -0.14 2.84 -4.20
C SER B 148 0.41 4.23 -3.91
N THR B 149 1.69 4.41 -4.21
CA THR B 149 2.22 5.76 -4.30
C THR B 149 1.73 6.41 -5.58
N ALA B 150 1.92 7.72 -5.65
CA ALA B 150 1.66 8.48 -6.87
C ALA B 150 2.63 9.65 -6.90
N VAL B 151 3.49 9.69 -7.91
CA VAL B 151 4.25 10.89 -8.23
C VAL B 151 3.86 11.30 -9.63
N VAL B 152 3.39 12.53 -9.77
CA VAL B 152 2.83 13.05 -11.02
C VAL B 152 3.53 14.34 -11.38
N ALA B 153 3.75 14.53 -12.68
CA ALA B 153 4.36 15.76 -13.19
C ALA B 153 3.55 16.28 -14.37
N LEU B 154 3.22 17.56 -14.32
CA LEU B 154 2.67 18.29 -15.44
C LEU B 154 3.77 19.18 -16.00
N VAL B 155 4.06 19.04 -17.28
CA VAL B 155 5.12 19.83 -17.92
C VAL B 155 4.50 20.67 -19.02
N CYS B 156 4.78 21.97 -18.99
CA CYS B 156 4.44 22.85 -20.10
C CYS B 156 5.65 23.72 -20.40
N SER B 157 5.52 24.60 -21.39
CA SER B 157 6.70 25.34 -21.85
C SER B 157 7.25 26.26 -20.77
N SER B 158 6.42 26.73 -19.85
CA SER B 158 6.87 27.72 -18.88
C SER B 158 7.09 27.18 -17.48
N HIS B 159 6.44 26.09 -17.10
CA HIS B 159 6.47 25.61 -15.72
C HIS B 159 6.45 24.10 -15.68
N ILE B 160 6.84 23.58 -14.52
CA ILE B 160 6.66 22.19 -14.13
C ILE B 160 5.85 22.18 -12.85
N VAL B 161 4.86 21.31 -12.78
CA VAL B 161 4.09 21.11 -11.56
C VAL B 161 4.23 19.65 -11.17
N VAL B 162 4.68 19.39 -9.94
CA VAL B 162 4.86 18.04 -9.44
C VAL B 162 3.99 17.86 -8.21
N SER B 163 3.30 16.73 -8.15
CA SER B 163 2.47 16.36 -7.01
C SER B 163 2.88 14.96 -6.58
N ASN B 164 3.22 14.81 -5.29
CA ASN B 164 3.77 13.56 -4.79
C ASN B 164 3.01 13.09 -3.57
N CYS B 165 2.76 11.80 -3.52
CA CYS B 165 2.10 11.14 -2.40
C CYS B 165 2.77 9.79 -2.24
N GLY B 166 3.65 9.66 -1.24
CA GLY B 166 4.33 8.42 -0.95
C GLY B 166 5.84 8.55 -1.09
N ASP B 167 6.50 7.44 -1.44
CA ASP B 167 7.96 7.40 -1.50
C ASP B 167 8.50 7.13 -2.91
N SER B 168 7.67 7.24 -3.95
CA SER B 168 8.24 7.50 -5.27
C SER B 168 8.75 8.95 -5.28
N ARG B 169 9.53 9.31 -6.29
CA ARG B 169 10.24 10.59 -6.22
C ARG B 169 10.39 11.18 -7.61
N ALA B 170 10.35 12.52 -7.66
CA ALA B 170 10.65 13.27 -8.88
C ALA B 170 11.88 14.13 -8.62
N VAL B 171 12.83 14.13 -9.54
CA VAL B 171 14.07 14.89 -9.37
C VAL B 171 14.35 15.70 -10.63
N LEU B 172 14.60 16.99 -10.45
CA LEU B 172 14.94 17.90 -11.53
C LEU B 172 16.44 18.14 -11.52
N PHE B 173 17.07 18.02 -12.68
CA PHE B 173 18.48 18.34 -12.84
C PHE B 173 18.58 19.70 -13.51
N ARG B 174 19.09 20.68 -12.78
CA ARG B 174 19.21 22.06 -13.27
C ARG B 174 20.65 22.49 -13.11
N GLY B 175 21.27 22.88 -14.21
CA GLY B 175 22.68 23.20 -14.16
C GLY B 175 23.44 21.95 -13.78
N LYS B 176 24.18 22.01 -12.68
CA LYS B 176 24.92 20.86 -12.18
C LYS B 176 24.33 20.33 -10.87
N GLU B 177 23.10 20.71 -10.54
CA GLU B 177 22.51 20.43 -9.23
C GLU B 177 21.26 19.58 -9.39
N ALA B 178 21.24 18.44 -8.71
CA ALA B 178 20.01 17.68 -8.58
C ALA B 178 19.10 18.38 -7.59
N MET B 179 17.86 18.62 -8.00
CA MET B 179 16.87 19.27 -7.14
C MET B 179 15.69 18.33 -6.95
N PRO B 180 15.60 17.62 -5.83
CA PRO B 180 14.40 16.78 -5.59
C PRO B 180 13.17 17.67 -5.48
N LEU B 181 12.13 17.32 -6.23
CA LEU B 181 10.89 18.08 -6.21
C LEU B 181 9.84 17.43 -5.32
N SER B 182 10.24 16.49 -4.48
CA SER B 182 9.35 15.84 -3.53
C SER B 182 10.21 15.32 -2.38
N VAL B 183 9.58 15.15 -1.23
CA VAL B 183 10.23 14.59 -0.05
C VAL B 183 9.43 13.35 0.37
N ASP B 184 10.12 12.23 0.55
CA ASP B 184 9.46 10.96 0.77
C ASP B 184 8.54 11.00 1.99
N HIS B 185 7.32 10.48 1.84
CA HIS B 185 6.38 10.38 2.95
C HIS B 185 6.62 9.08 3.70
N LYS B 186 7.59 9.13 4.64
CA LYS B 186 7.96 8.01 5.48
C LYS B 186 7.51 8.24 6.91
N PRO B 187 7.07 7.18 7.61
CA PRO B 187 6.47 7.38 8.94
C PRO B 187 7.42 7.97 9.96
N ASP B 188 8.73 7.81 9.78
CA ASP B 188 9.69 8.33 10.76
C ASP B 188 10.14 9.75 10.46
N ARG B 189 9.70 10.33 9.35
CA ARG B 189 9.88 11.77 9.16
C ARG B 189 9.22 12.52 10.31
N GLU B 190 9.97 13.43 10.95
CA GLU B 190 9.53 14.05 12.19
C GLU B 190 8.12 14.64 12.09
N ASP B 191 7.84 15.37 11.01
CA ASP B 191 6.53 16.02 10.89
C ASP B 191 5.43 14.98 10.64
N GLU B 192 5.73 13.92 9.88
CA GLU B 192 4.74 12.87 9.63
C GLU B 192 4.50 12.01 10.87
N TYR B 193 5.57 11.66 11.58
CA TYR B 193 5.43 10.97 12.87
C TYR B 193 4.46 11.72 13.77
N ALA B 194 4.69 13.03 13.95
CA ALA B 194 3.80 13.84 14.77
C ALA B 194 2.37 13.84 14.24
N ARG B 195 2.20 13.98 12.92
CA ARG B 195 0.87 14.01 12.33
C ARG B 195 0.12 12.72 12.62
N ILE B 196 0.78 11.57 12.42
CA ILE B 196 0.15 10.28 12.65
C ILE B 196 -0.27 10.13 14.11
N GLU B 197 0.61 10.53 15.03
CA GLU B 197 0.29 10.41 16.45
C GLU B 197 -0.81 11.37 16.87
N ASN B 198 -0.84 12.57 16.29
CA ASN B 198 -1.89 13.53 16.61
C ASN B 198 -3.24 13.04 16.11
N ALA B 199 -3.26 12.25 15.03
CA ALA B 199 -4.48 11.66 14.52
C ALA B 199 -4.90 10.42 15.30
N GLY B 200 -4.15 10.01 16.32
CA GLY B 200 -4.47 8.84 17.10
C GLY B 200 -3.78 7.57 16.67
N GLY B 201 -2.91 7.63 15.67
CA GLY B 201 -2.18 6.46 15.19
C GLY B 201 -0.90 6.23 15.98
N LYS B 202 -0.13 5.24 15.53
CA LYS B 202 1.14 4.89 16.15
C LYS B 202 2.13 4.45 15.08
N VAL B 203 3.39 4.83 15.25
CA VAL B 203 4.48 4.36 14.39
C VAL B 203 5.31 3.38 15.20
N ILE B 204 5.60 2.22 14.61
CA ILE B 204 6.35 1.15 15.28
C ILE B 204 7.56 0.77 14.43
N GLN B 205 8.71 0.63 15.06
CA GLN B 205 9.90 0.10 14.42
C GLN B 205 9.74 -1.42 14.32
N TRP B 206 9.48 -1.90 13.11
CA TRP B 206 9.16 -3.31 12.89
C TRP B 206 9.67 -3.61 11.48
N GLN B 207 10.96 -3.92 11.37
CA GLN B 207 11.65 -3.90 10.09
C GLN B 207 11.47 -2.54 9.41
N GLY B 208 11.98 -1.50 10.07
CA GLY B 208 11.79 -0.14 9.62
C GLY B 208 10.56 0.49 10.26
N ALA B 209 10.47 1.80 10.15
CA ALA B 209 9.34 2.52 10.73
C ALA B 209 8.10 2.30 9.88
N ARG B 210 7.02 1.82 10.51
CA ARG B 210 5.78 1.50 9.83
C ARG B 210 4.58 1.92 10.66
N VAL B 211 3.55 2.44 9.99
CA VAL B 211 2.28 2.76 10.64
C VAL B 211 1.69 1.49 11.23
N PHE B 212 1.49 1.48 12.55
CA PHE B 212 1.05 0.29 13.29
C PHE B 212 1.96 -0.91 13.02
N GLY B 213 3.21 -0.66 12.61
CA GLY B 213 4.13 -1.74 12.31
C GLY B 213 3.87 -2.47 11.01
N VAL B 214 2.96 -1.99 10.18
CA VAL B 214 2.59 -2.68 8.95
C VAL B 214 3.11 -1.95 7.70
N LEU B 215 2.68 -0.71 7.47
CA LEU B 215 2.95 -0.01 6.21
C LEU B 215 4.10 0.98 6.38
N ALA B 216 5.12 0.85 5.52
CA ALA B 216 6.32 1.69 5.59
C ALA B 216 6.17 3.00 4.83
N MET B 217 5.02 3.67 4.92
CA MET B 217 4.90 5.03 4.41
C MET B 217 3.69 5.69 5.04
N SER B 218 3.68 7.02 5.01
CA SER B 218 2.70 7.80 5.77
C SER B 218 1.61 8.40 4.90
N ARG B 219 1.76 8.37 3.58
CA ARG B 219 0.76 8.89 2.67
C ARG B 219 0.70 7.97 1.45
N SER B 220 -0.47 7.91 0.83
CA SER B 220 -0.67 6.97 -0.27
C SER B 220 -2.09 7.13 -0.81
N ILE B 221 -2.35 6.46 -1.94
CA ILE B 221 -3.68 6.30 -2.49
C ILE B 221 -4.16 4.90 -2.12
N GLY B 222 -5.42 4.79 -1.69
CA GLY B 222 -5.95 3.51 -1.24
C GLY B 222 -5.70 3.29 0.24
N ASP B 223 -5.32 2.08 0.62
CA ASP B 223 -5.02 1.75 2.02
C ASP B 223 -6.20 2.09 2.93
N ARG B 224 -7.38 1.56 2.61
CA ARG B 224 -8.59 1.89 3.34
C ARG B 224 -8.43 1.59 4.84
N TYR B 225 -7.70 0.52 5.19
CA TYR B 225 -7.62 0.12 6.58
C TYR B 225 -6.83 1.09 7.46
N LEU B 226 -6.06 2.01 6.87
CA LEU B 226 -5.26 2.96 7.63
C LEU B 226 -5.78 4.38 7.53
N LYS B 227 -7.00 4.57 7.07
CA LYS B 227 -7.66 5.85 7.24
C LYS B 227 -7.97 6.07 8.72
N PRO B 228 -7.73 7.28 9.27
CA PRO B 228 -7.22 8.52 8.67
C PRO B 228 -5.74 8.78 8.97
N TYR B 229 -4.94 7.73 9.14
CA TYR B 229 -3.53 7.91 9.45
C TYR B 229 -2.67 8.06 8.19
N VAL B 230 -2.87 7.20 7.21
CA VAL B 230 -2.21 7.32 5.92
C VAL B 230 -3.17 8.06 4.99
N ILE B 231 -2.77 9.24 4.55
CA ILE B 231 -3.70 10.16 3.88
C ILE B 231 -3.30 10.34 2.42
N PRO B 232 -4.21 10.76 1.54
CA PRO B 232 -3.86 11.00 0.14
C PRO B 232 -3.48 12.43 -0.19
N GLU B 233 -3.21 13.27 0.80
CA GLU B 233 -2.85 14.66 0.57
C GLU B 233 -1.46 14.75 -0.03
N PRO B 234 -1.30 15.22 -1.27
CA PRO B 234 0.04 15.27 -1.87
C PRO B 234 0.82 16.51 -1.43
N GLU B 235 2.12 16.44 -1.68
CA GLU B 235 2.97 17.62 -1.66
C GLU B 235 3.09 18.14 -3.09
N VAL B 236 2.75 19.41 -3.31
CA VAL B 236 2.68 19.97 -4.66
C VAL B 236 3.74 21.06 -4.81
N THR B 237 4.54 20.97 -5.87
CA THR B 237 5.59 21.95 -6.15
C THR B 237 5.32 22.60 -7.50
N PHE B 238 5.27 23.93 -7.51
CA PHE B 238 5.03 24.71 -8.72
C PHE B 238 6.32 25.46 -9.04
N MET B 239 6.96 25.08 -10.15
CA MET B 239 8.33 25.48 -10.46
C MET B 239 8.39 26.10 -11.84
N PRO B 240 8.88 27.34 -11.97
CA PRO B 240 9.14 27.89 -13.31
C PRO B 240 10.28 27.15 -13.98
N ARG B 241 10.16 26.95 -15.29
CA ARG B 241 11.23 26.33 -16.05
C ARG B 241 12.36 27.32 -16.29
N SER B 242 13.57 26.80 -16.47
CA SER B 242 14.76 27.61 -16.65
C SER B 242 15.58 27.08 -17.81
N ARG B 243 16.29 27.99 -18.47
CA ARG B 243 17.13 27.58 -19.59
C ARG B 243 18.22 26.60 -19.17
N GLU B 244 18.56 26.56 -17.87
CA GLU B 244 19.55 25.62 -17.36
C GLU B 244 19.00 24.23 -17.05
N ASP B 245 17.68 24.04 -17.12
CA ASP B 245 17.08 22.73 -16.88
C ASP B 245 17.64 21.70 -17.87
N GLU B 246 18.02 20.55 -17.35
CA GLU B 246 18.56 19.46 -18.15
C GLU B 246 17.53 18.36 -18.36
N CYS B 247 17.03 17.79 -17.28
CA CYS B 247 16.08 16.68 -17.39
C CYS B 247 15.30 16.56 -16.10
N LEU B 248 14.19 15.84 -16.19
CA LEU B 248 13.32 15.53 -15.06
C LEU B 248 13.15 14.01 -15.04
N ILE B 249 13.37 13.41 -13.88
CA ILE B 249 13.26 11.96 -13.70
C ILE B 249 12.18 11.68 -12.68
N LEU B 250 11.19 10.85 -13.05
CA LEU B 250 10.22 10.28 -12.12
C LEU B 250 10.47 8.79 -12.04
N ALA B 251 10.56 8.25 -10.82
CA ALA B 251 10.80 6.83 -10.67
C ALA B 251 10.26 6.32 -9.34
N SER B 252 9.97 5.02 -9.32
CA SER B 252 9.64 4.35 -8.06
C SER B 252 10.94 4.09 -7.29
N ASP B 253 10.78 3.68 -6.03
CA ASP B 253 11.93 3.49 -5.16
C ASP B 253 12.75 2.28 -5.55
N GLY B 254 12.28 1.44 -6.48
CA GLY B 254 13.14 0.43 -7.05
C GLY B 254 14.42 1.00 -7.61
N LEU B 255 14.36 2.24 -8.10
CA LEU B 255 15.56 2.94 -8.54
C LEU B 255 16.24 3.69 -7.38
N TRP B 256 15.49 4.51 -6.65
CA TRP B 256 16.09 5.38 -5.64
C TRP B 256 16.68 4.62 -4.46
N ASP B 257 16.20 3.39 -4.19
CA ASP B 257 16.76 2.63 -3.07
C ASP B 257 18.21 2.24 -3.29
N VAL B 258 18.70 2.20 -4.53
CA VAL B 258 20.07 1.77 -4.81
C VAL B 258 20.92 2.84 -5.47
N MET B 259 20.37 4.03 -5.75
CA MET B 259 21.15 5.05 -6.46
C MET B 259 20.85 6.45 -5.94
N ASN B 260 21.91 7.25 -5.86
CA ASN B 260 21.87 8.60 -5.33
C ASN B 260 21.21 9.56 -6.34
N ASN B 261 20.44 10.53 -5.82
CA ASN B 261 19.75 11.49 -6.70
C ASN B 261 20.70 12.13 -7.72
N GLN B 262 21.81 12.69 -7.23
CA GLN B 262 22.75 13.37 -8.12
C GLN B 262 23.29 12.43 -9.18
N GLU B 263 23.68 11.22 -8.79
CA GLU B 263 24.22 10.28 -9.78
C GLU B 263 23.16 9.89 -10.82
N VAL B 264 21.90 9.72 -10.39
CA VAL B 264 20.83 9.39 -11.33
C VAL B 264 20.71 10.49 -12.39
N CYS B 265 20.60 11.73 -11.94
CA CYS B 265 20.45 12.85 -12.87
C CYS B 265 21.63 12.94 -13.83
N GLU B 266 22.86 12.85 -13.30
CA GLU B 266 24.04 13.01 -14.14
C GLU B 266 24.12 11.91 -15.18
N ILE B 267 23.80 10.68 -14.79
CA ILE B 267 23.86 9.56 -15.71
C ILE B 267 22.82 9.72 -16.81
N ALA B 268 21.61 10.16 -16.46
CA ALA B 268 20.59 10.35 -17.49
C ALA B 268 21.05 11.37 -18.53
N ARG B 269 21.61 12.49 -18.08
CA ARG B 269 22.11 13.49 -19.01
C ARG B 269 23.25 12.93 -19.86
N ARG B 270 24.18 12.22 -19.22
CA ARG B 270 25.32 11.63 -19.92
C ARG B 270 24.84 10.70 -21.02
N ARG B 271 23.81 9.89 -20.73
CA ARG B 271 23.35 8.90 -21.69
C ARG B 271 22.58 9.58 -22.82
N ILE B 272 21.84 10.64 -22.52
CA ILE B 272 21.20 11.44 -23.55
C ILE B 272 22.27 12.02 -24.48
N LEU B 273 23.30 12.65 -23.92
CA LEU B 273 24.35 13.24 -24.73
C LEU B 273 25.04 12.18 -25.57
N MET B 274 25.26 11.00 -25.00
CA MET B 274 25.94 9.94 -25.72
C MET B 274 25.13 9.49 -26.94
N TRP B 275 23.81 9.34 -26.77
CA TRP B 275 22.99 8.96 -27.92
C TRP B 275 23.11 9.96 -29.05
N HIS B 276 23.06 11.25 -28.72
CA HIS B 276 23.10 12.26 -29.77
C HIS B 276 24.47 12.29 -30.46
N LYS B 277 25.53 12.09 -29.68
CA LYS B 277 26.87 12.06 -30.28
C LYS B 277 26.99 10.92 -31.29
N LYS B 278 26.37 9.77 -30.99
CA LYS B 278 26.55 8.56 -31.78
C LYS B 278 25.55 8.41 -32.91
N ASN B 279 24.42 9.10 -32.86
CA ASN B 279 23.38 8.97 -33.87
C ASN B 279 23.14 10.23 -34.67
N GLY B 280 23.69 11.38 -34.24
CA GLY B 280 23.60 12.58 -35.03
C GLY B 280 22.27 13.30 -34.83
N ALA B 281 21.84 13.97 -35.90
CA ALA B 281 20.63 14.78 -35.83
C ALA B 281 19.41 13.90 -35.66
N PRO B 282 18.51 14.22 -34.72
CA PRO B 282 17.32 13.41 -34.52
C PRO B 282 16.25 13.76 -35.54
N PRO B 283 15.29 12.85 -35.78
CA PRO B 283 14.17 13.18 -36.67
C PRO B 283 13.19 14.16 -36.03
N LEU B 284 13.55 15.46 -36.04
CA LEU B 284 12.70 16.45 -35.39
C LEU B 284 11.34 16.55 -36.05
N ALA B 285 11.25 16.20 -37.34
CA ALA B 285 9.96 16.26 -38.04
C ALA B 285 8.94 15.34 -37.39
N GLU B 286 9.37 14.18 -36.90
CA GLU B 286 8.50 13.21 -36.24
C GLU B 286 8.70 13.17 -34.73
N ARG B 287 9.24 14.24 -34.15
CA ARG B 287 9.46 14.30 -32.72
C ARG B 287 8.15 14.58 -31.97
N GLY B 288 8.08 14.09 -30.73
CA GLY B 288 6.91 14.24 -29.91
C GLY B 288 5.86 13.15 -30.06
N LYS B 289 5.95 12.32 -31.10
CA LYS B 289 5.04 11.20 -31.30
C LYS B 289 5.74 9.94 -30.78
N GLY B 290 5.45 9.56 -29.55
CA GLY B 290 6.12 8.44 -28.93
C GLY B 290 7.39 8.86 -28.20
N ILE B 291 8.17 7.84 -27.84
CA ILE B 291 9.36 8.04 -27.01
C ILE B 291 10.45 8.73 -27.81
N ASP B 292 11.29 9.46 -27.09
CA ASP B 292 12.51 10.03 -27.65
C ASP B 292 13.64 9.01 -27.54
N PRO B 293 14.30 8.64 -28.64
CA PRO B 293 15.33 7.60 -28.55
C PRO B 293 16.40 7.88 -27.51
N ALA B 294 16.89 9.12 -27.39
CA ALA B 294 17.93 9.40 -26.40
C ALA B 294 17.41 9.23 -24.98
N CYS B 295 16.21 9.75 -24.68
CA CYS B 295 15.60 9.53 -23.36
C CYS B 295 15.40 8.05 -23.07
N GLN B 296 14.94 7.29 -24.07
CA GLN B 296 14.74 5.86 -23.89
C GLN B 296 16.06 5.17 -23.53
N ALA B 297 17.14 5.54 -24.20
CA ALA B 297 18.46 5.00 -23.88
C ALA B 297 18.84 5.30 -22.44
N ALA B 298 18.59 6.52 -21.98
CA ALA B 298 18.88 6.86 -20.59
C ALA B 298 18.04 6.03 -19.63
N ALA B 299 16.75 5.89 -19.91
CA ALA B 299 15.88 5.08 -19.04
C ALA B 299 16.31 3.63 -19.04
N ASP B 300 16.65 3.08 -20.21
N ASP B 300 16.62 3.07 -20.21
CA ASP B 300 17.12 1.70 -20.31
CA ASP B 300 17.11 1.70 -20.27
C ASP B 300 18.40 1.50 -19.50
C ASP B 300 18.38 1.53 -19.43
N TYR B 301 19.34 2.44 -19.60
CA TYR B 301 20.60 2.30 -18.88
C TYR B 301 20.40 2.36 -17.37
N LEU B 302 19.54 3.27 -16.91
CA LEU B 302 19.30 3.39 -15.47
C LEU B 302 18.63 2.13 -14.91
N SER B 303 17.69 1.54 -15.65
CA SER B 303 17.07 0.32 -15.17
C SER B 303 18.08 -0.82 -15.13
N MET B 304 18.94 -0.90 -16.15
CA MET B 304 19.98 -1.92 -16.16
C MET B 304 20.91 -1.73 -14.98
N LEU B 305 21.26 -0.49 -14.67
CA LEU B 305 22.19 -0.20 -13.59
C LEU B 305 21.57 -0.53 -12.23
N ALA B 306 20.30 -0.19 -12.04
CA ALA B 306 19.61 -0.52 -10.79
C ALA B 306 19.64 -2.03 -10.52
N LEU B 307 19.32 -2.82 -11.54
CA LEU B 307 19.40 -4.28 -11.43
C LEU B 307 20.80 -4.74 -11.10
N GLN B 308 21.81 -4.18 -11.78
CA GLN B 308 23.20 -4.52 -11.52
C GLN B 308 23.61 -4.21 -10.09
N LYS B 309 23.08 -3.13 -9.53
CA LYS B 309 23.36 -2.79 -8.13
C LYS B 309 22.55 -3.61 -7.15
N GLY B 310 21.75 -4.56 -7.62
CA GLY B 310 21.10 -5.52 -6.76
C GLY B 310 19.67 -5.21 -6.38
N SER B 311 19.03 -4.25 -7.04
CA SER B 311 17.63 -4.00 -6.74
C SER B 311 16.79 -5.22 -7.09
N LYS B 312 16.05 -5.74 -6.11
CA LYS B 312 15.16 -6.88 -6.29
C LYS B 312 13.70 -6.45 -6.46
N ASP B 313 13.45 -5.17 -6.64
CA ASP B 313 12.11 -4.59 -6.66
C ASP B 313 11.61 -4.39 -8.10
N ASN B 314 10.31 -4.20 -8.25
CA ASN B 314 9.80 -3.55 -9.45
C ASN B 314 10.54 -2.21 -9.61
N ILE B 315 10.84 -1.85 -10.85
CA ILE B 315 11.55 -0.60 -11.17
C ILE B 315 10.85 0.10 -12.33
N SER B 316 10.34 1.32 -12.10
CA SER B 316 9.75 2.12 -13.16
C SER B 316 10.42 3.49 -13.20
N ILE B 317 10.80 3.93 -14.41
CA ILE B 317 11.54 5.18 -14.60
C ILE B 317 11.00 5.90 -15.82
N ILE B 318 10.70 7.19 -15.69
CA ILE B 318 10.43 8.09 -16.81
C ILE B 318 11.53 9.14 -16.84
N VAL B 319 12.19 9.27 -17.98
CA VAL B 319 13.23 10.27 -18.20
C VAL B 319 12.68 11.29 -19.19
N ILE B 320 12.60 12.56 -18.78
CA ILE B 320 12.08 13.65 -19.59
C ILE B 320 13.23 14.61 -19.89
N ASP B 321 13.49 14.88 -21.17
CA ASP B 321 14.52 15.84 -21.59
C ASP B 321 13.90 17.24 -21.66
N LEU B 322 14.42 18.16 -20.86
CA LEU B 322 13.92 19.53 -20.81
C LEU B 322 14.72 20.50 -21.68
N LYS B 323 15.74 20.02 -22.38
CA LYS B 323 16.55 20.89 -23.23
C LYS B 323 15.90 21.04 -24.60
N ALA B 324 15.76 22.29 -25.05
CA ALA B 324 15.20 22.52 -26.38
C ALA B 324 15.98 21.81 -27.47
N GLN B 325 17.32 21.91 -27.42
CA GLN B 325 18.18 21.34 -28.44
C GLN B 325 19.46 20.84 -27.81
N ARG B 326 20.04 19.82 -28.44
CA ARG B 326 21.35 19.33 -28.01
C ARG B 326 22.32 19.23 -29.19
#